data_7TL6
#
_entry.id   7TL6
#
_cell.length_a   48.508
_cell.length_b   48.508
_cell.length_c   191.542
_cell.angle_alpha   90.000
_cell.angle_beta   90.000
_cell.angle_gamma   90.000
#
_symmetry.space_group_name_H-M   'P 43 21 2'
#
loop_
_entity.id
_entity.type
_entity.pdbx_description
1 polymer Meteorin
2 non-polymer 'SULFATE ION'
3 water water
#
_entity_poly.entity_id   1
_entity_poly.type   'polypeptide(L)'
_entity_poly.pdbx_seq_one_letter_code
;GYSEDRCSWRGSGLTQEPGSVGQLTLDCTEGAIEWLYPAGALRLTLGGPDPGTRPSIVCLRPERPFAGAQVFAERMTGNL
ELLLAEGPDLAGGRCMRWGPRERRALFLQATPHRDISRRVAAFRFELHEDQRAE
;
_entity_poly.pdbx_strand_id   A,B
#
# COMPACT_ATOMS: atom_id res chain seq x y z
N GLY A 1 24.50 3.61 -6.74
CA GLY A 1 24.20 2.21 -7.15
C GLY A 1 23.29 1.47 -6.19
N TYR A 2 23.40 0.14 -6.20
CA TYR A 2 22.63 -0.68 -5.27
C TYR A 2 23.14 -0.49 -3.85
N SER A 3 22.24 -0.66 -2.88
CA SER A 3 22.61 -0.56 -1.48
C SER A 3 23.41 -1.79 -1.04
N GLU A 4 23.80 -1.79 0.23
CA GLU A 4 24.57 -2.90 0.77
C GLU A 4 23.83 -4.23 0.62
N ASP A 5 22.52 -4.23 0.90
CA ASP A 5 21.73 -5.45 0.86
C ASP A 5 21.06 -5.67 -0.49
N ARG A 6 21.25 -4.76 -1.44
CA ARG A 6 20.72 -4.87 -2.79
C ARG A 6 19.20 -4.87 -2.81
N CYS A 7 18.57 -4.32 -1.78
CA CYS A 7 17.13 -4.11 -1.80
C CYS A 7 16.75 -2.72 -2.26
N SER A 8 17.72 -1.82 -2.36
CA SER A 8 17.46 -0.41 -2.75
C SER A 8 18.45 0.01 -3.83
N TRP A 9 18.22 1.15 -4.47
CA TRP A 9 19.12 1.68 -5.52
C TRP A 9 19.08 3.21 -5.47
N ARG A 10 20.21 3.87 -5.75
CA ARG A 10 20.27 5.35 -5.78
C ARG A 10 21.29 5.78 -6.84
N GLY A 11 20.84 6.30 -7.98
CA GLY A 11 21.73 6.70 -9.10
C GLY A 11 21.30 8.01 -9.73
N SER A 12 22.04 8.51 -10.72
CA SER A 12 21.76 9.80 -11.40
C SER A 12 21.26 9.56 -12.83
N GLY A 13 20.58 10.53 -13.44
CA GLY A 13 20.01 10.40 -14.79
C GLY A 13 21.02 10.01 -15.85
N LEU A 14 22.28 10.37 -15.67
CA LEU A 14 23.38 9.97 -16.59
C LEU A 14 23.65 8.50 -16.36
N THR A 15 22.65 7.63 -16.53
CA THR A 15 22.79 6.19 -16.21
C THR A 15 23.57 5.45 -17.31
N GLN A 16 23.13 5.52 -18.57
CA GLN A 16 23.75 4.72 -19.66
C GLN A 16 23.51 5.37 -21.03
N GLU A 17 23.74 4.63 -22.11
CA GLU A 17 23.56 5.13 -23.49
C GLU A 17 22.23 5.89 -23.56
N PRO A 18 22.21 7.16 -24.02
CA PRO A 18 20.96 7.88 -24.17
C PRO A 18 20.02 7.10 -25.09
N GLY A 19 18.74 6.98 -24.72
CA GLY A 19 17.75 6.23 -25.54
C GLY A 19 17.51 4.83 -25.01
N SER A 20 18.52 4.19 -24.44
CA SER A 20 18.39 2.84 -23.84
C SER A 20 17.74 2.98 -22.46
N VAL A 21 16.83 2.08 -22.13
CA VAL A 21 16.21 2.05 -20.77
C VAL A 21 17.15 1.26 -19.88
N GLY A 22 17.73 1.90 -18.86
CA GLY A 22 18.56 1.18 -17.91
C GLY A 22 17.78 0.10 -17.19
N GLN A 23 18.48 -0.91 -16.72
CA GLN A 23 17.85 -2.07 -16.11
C GLN A 23 18.31 -2.22 -14.67
N LEU A 24 17.33 -2.30 -13.78
CA LEU A 24 17.52 -2.52 -12.35
C LEU A 24 16.75 -3.79 -11.99
N THR A 25 17.31 -4.58 -11.08
CA THR A 25 16.64 -5.76 -10.55
C THR A 25 16.74 -5.72 -9.02
N LEU A 26 15.60 -5.84 -8.34
CA LEU A 26 15.56 -5.86 -6.89
C LEU A 26 14.69 -7.02 -6.44
N ASP A 27 15.27 -7.94 -5.69
CA ASP A 27 14.61 -9.20 -5.37
C ASP A 27 14.03 -9.23 -3.96
N CYS A 28 13.85 -8.08 -3.34
CA CYS A 28 13.33 -8.00 -1.98
C CYS A 28 11.85 -7.63 -2.02
N THR A 29 11.19 -7.82 -0.88
CA THR A 29 9.79 -7.44 -0.73
C THR A 29 9.59 -6.00 -0.32
N GLU A 30 10.65 -5.32 0.11
CA GLU A 30 10.58 -3.94 0.54
C GLU A 30 11.90 -3.27 0.17
N GLY A 31 11.82 -2.06 -0.36
CA GLY A 31 13.01 -1.36 -0.74
C GLY A 31 12.70 0.06 -1.16
N ALA A 32 13.72 0.76 -1.64
CA ALA A 32 13.59 2.17 -2.00
C ALA A 32 14.35 2.46 -3.28
N ILE A 33 13.86 3.46 -4.00
CA ILE A 33 14.45 3.97 -5.22
C ILE A 33 14.68 5.47 -5.02
N GLU A 34 15.88 5.93 -5.31
CA GLU A 34 16.23 7.35 -5.27
C GLU A 34 16.84 7.68 -6.62
N TRP A 35 16.10 8.41 -7.45
CA TRP A 35 16.56 8.75 -8.80
C TRP A 35 16.89 10.25 -8.83
N LEU A 36 18.17 10.58 -8.74
CA LEU A 36 18.62 11.96 -8.76
C LEU A 36 18.74 12.44 -10.19
N TYR A 37 18.34 13.70 -10.43
CA TYR A 37 18.33 14.36 -11.73
C TYR A 37 17.89 13.37 -12.81
N PRO A 38 16.65 12.90 -12.78
CA PRO A 38 16.25 11.86 -13.72
C PRO A 38 16.43 12.29 -15.16
N ALA A 39 16.94 11.37 -15.97
CA ALA A 39 17.09 11.55 -17.40
C ALA A 39 16.90 10.19 -18.04
N GLY A 40 16.19 10.16 -19.15
CA GLY A 40 15.96 8.90 -19.82
C GLY A 40 14.91 8.07 -19.12
N ALA A 41 15.17 6.77 -19.01
CA ALA A 41 14.19 5.87 -18.44
C ALA A 41 14.89 4.69 -17.81
N LEU A 42 14.21 4.08 -16.84
CA LEU A 42 14.70 2.92 -16.14
C LEU A 42 13.59 1.88 -16.07
N ARG A 43 13.98 0.62 -16.14
CA ARG A 43 13.08 -0.50 -15.95
C ARG A 43 13.55 -1.26 -14.72
N LEU A 44 12.68 -1.38 -13.73
CA LEU A 44 12.97 -2.01 -12.45
C LEU A 44 12.15 -3.29 -12.35
N THR A 45 12.84 -4.43 -12.32
CA THR A 45 12.19 -5.72 -12.19
C THR A 45 12.19 -6.09 -10.71
N LEU A 46 11.02 -6.40 -10.18
CA LEU A 46 10.88 -6.71 -8.77
C LEU A 46 10.71 -8.22 -8.65
N GLY A 47 11.76 -8.90 -8.19
CA GLY A 47 11.73 -10.34 -7.99
C GLY A 47 11.39 -10.65 -6.54
N ARG A 54 1.25 -17.09 -7.46
CA ARG A 54 0.18 -16.38 -6.77
C ARG A 54 0.16 -14.90 -7.17
N PRO A 55 -1.00 -14.26 -7.04
CA PRO A 55 -1.09 -12.83 -7.34
C PRO A 55 -0.28 -12.00 -6.36
N SER A 56 0.17 -10.83 -6.83
CA SER A 56 1.01 -9.94 -6.04
C SER A 56 0.46 -8.52 -6.07
N ILE A 57 0.60 -7.82 -4.95
CA ILE A 57 0.19 -6.42 -4.82
C ILE A 57 1.42 -5.60 -4.52
N VAL A 58 1.60 -4.52 -5.27
CA VAL A 58 2.71 -3.61 -5.07
C VAL A 58 2.15 -2.27 -4.65
N CYS A 59 2.78 -1.64 -3.67
CA CYS A 59 2.41 -0.32 -3.23
C CYS A 59 3.64 0.56 -3.22
N LEU A 60 3.48 1.79 -3.71
CA LEU A 60 4.55 2.76 -3.79
C LEU A 60 4.23 3.95 -2.90
N ARG A 61 5.22 4.42 -2.16
CA ARG A 61 5.09 5.58 -1.28
C ARG A 61 6.12 6.63 -1.68
N PRO A 62 5.74 7.71 -2.33
CA PRO A 62 6.72 8.71 -2.73
C PRO A 62 7.24 9.48 -1.54
N GLU A 63 8.47 9.98 -1.69
CA GLU A 63 9.07 10.88 -0.72
C GLU A 63 8.92 12.30 -1.26
N ARG A 64 8.14 13.12 -0.56
CA ARG A 64 7.90 14.48 -1.03
C ARG A 64 9.11 15.36 -0.73
N PRO A 65 9.47 16.28 -1.64
CA PRO A 65 8.85 16.51 -2.95
C PRO A 65 9.26 15.49 -3.99
N PHE A 66 8.29 14.95 -4.72
CA PHE A 66 8.52 13.97 -5.82
C PHE A 66 8.40 14.68 -7.15
N ALA A 67 9.46 14.70 -7.95
CA ALA A 67 9.48 15.39 -9.24
C ALA A 67 10.57 14.83 -10.14
N GLY A 68 10.46 15.05 -11.45
CA GLY A 68 11.51 14.65 -12.40
C GLY A 68 11.18 13.36 -13.10
N ALA A 69 10.10 12.70 -12.72
CA ALA A 69 9.74 11.41 -13.34
C ALA A 69 8.34 10.92 -12.99
N GLN A 70 7.88 9.92 -13.74
CA GLN A 70 6.58 9.26 -13.50
C GLN A 70 6.91 7.78 -13.35
N VAL A 71 6.12 7.03 -12.60
CA VAL A 71 6.33 5.57 -12.39
C VAL A 71 5.11 4.85 -12.93
N PHE A 72 5.31 3.92 -13.86
CA PHE A 72 4.22 3.11 -14.46
C PHE A 72 4.46 1.66 -14.08
N ALA A 73 3.42 0.83 -14.14
CA ALA A 73 3.56 -0.63 -13.89
C ALA A 73 3.31 -1.34 -15.22
N GLU A 74 4.23 -2.21 -15.62
CA GLU A 74 4.14 -2.95 -16.90
C GLU A 74 3.16 -4.11 -16.75
N ARG A 75 2.09 -4.11 -17.53
CA ARG A 75 1.09 -5.20 -17.52
C ARG A 75 1.41 -6.17 -18.66
N MET A 76 1.00 -7.43 -18.56
CA MET A 76 1.24 -8.46 -19.59
C MET A 76 0.74 -7.96 -20.94
N THR A 77 -0.33 -7.16 -20.94
CA THR A 77 -0.94 -6.58 -22.16
C THR A 77 0.07 -5.69 -22.88
N GLY A 78 1.08 -5.18 -22.19
CA GLY A 78 2.02 -4.19 -22.78
C GLY A 78 1.49 -2.82 -22.43
N ASN A 79 0.35 -2.78 -21.76
CA ASN A 79 -0.29 -1.52 -21.32
C ASN A 79 0.46 -1.04 -20.09
N LEU A 80 0.30 0.23 -19.75
CA LEU A 80 0.96 0.82 -18.57
C LEU A 80 -0.10 1.41 -17.66
N GLU A 81 0.15 1.40 -16.35
CA GLU A 81 -0.75 1.98 -15.34
C GLU A 81 0.08 2.99 -14.55
N LEU A 82 -0.27 4.27 -14.59
CA LEU A 82 0.48 5.33 -13.86
C LEU A 82 0.24 5.14 -12.37
N LEU A 83 1.32 5.00 -11.59
CA LEU A 83 1.23 4.83 -10.12
C LEU A 83 1.66 6.14 -9.46
N LEU A 84 2.81 6.69 -9.82
CA LEU A 84 3.33 7.94 -9.25
C LEU A 84 3.59 8.95 -10.38
N ALA A 85 3.17 10.20 -10.22
CA ALA A 85 3.40 11.27 -11.21
C ALA A 85 3.76 12.57 -10.50
N GLU A 86 4.32 13.53 -11.22
CA GLU A 86 4.76 14.82 -10.65
C GLU A 86 3.55 15.73 -10.42
N GLY A 87 3.68 16.70 -9.51
CA GLY A 87 2.58 17.61 -9.16
C GLY A 87 1.78 16.99 -8.04
N PRO A 88 0.73 17.66 -7.50
CA PRO A 88 -0.11 17.03 -6.50
C PRO A 88 -1.14 16.11 -7.17
N GLY A 92 1.08 10.40 -1.68
CA GLY A 92 0.99 9.74 -0.39
C GLY A 92 0.92 8.22 -0.48
N GLY A 93 0.47 7.71 -1.64
CA GLY A 93 0.43 6.27 -1.84
C GLY A 93 -0.39 5.79 -3.02
N ARG A 94 0.21 4.94 -3.86
CA ARG A 94 -0.50 4.31 -4.98
C ARG A 94 -0.18 2.83 -4.98
N CYS A 95 -1.20 1.99 -5.09
CA CYS A 95 -1.05 0.54 -5.11
C CYS A 95 -1.58 -0.04 -6.41
N MET A 96 -1.15 -1.24 -6.72
CA MET A 96 -1.58 -1.92 -7.93
C MET A 96 -1.34 -3.41 -7.76
N ARG A 97 -2.05 -4.22 -8.55
CA ARG A 97 -1.98 -5.67 -8.43
C ARG A 97 -1.55 -6.29 -9.75
N TRP A 98 -0.58 -7.20 -9.68
CA TRP A 98 -0.13 -8.02 -10.79
C TRP A 98 -0.73 -9.43 -10.68
N GLY A 99 -0.96 -10.04 -11.84
CA GLY A 99 -1.46 -11.39 -11.88
C GLY A 99 -0.41 -12.40 -11.44
N PRO A 100 -0.81 -13.65 -11.24
CA PRO A 100 0.14 -14.66 -10.77
C PRO A 100 1.29 -14.93 -11.72
N ARG A 101 1.08 -14.73 -13.02
CA ARG A 101 2.10 -15.01 -14.03
C ARG A 101 2.65 -13.76 -14.69
N GLU A 102 2.37 -12.57 -14.15
CA GLU A 102 2.86 -11.34 -14.73
C GLU A 102 4.25 -11.00 -14.21
N ARG A 103 5.11 -10.56 -15.12
CA ARG A 103 6.43 -10.07 -14.73
C ARG A 103 6.26 -8.79 -13.94
N ARG A 104 6.84 -8.73 -12.76
CA ARG A 104 6.68 -7.59 -11.86
C ARG A 104 7.72 -6.54 -12.24
N ALA A 105 7.33 -5.64 -13.14
CA ALA A 105 8.22 -4.63 -13.67
C ALA A 105 7.61 -3.24 -13.55
N LEU A 106 8.41 -2.29 -13.07
CA LEU A 106 8.06 -0.88 -13.08
C LEU A 106 8.86 -0.17 -14.16
N PHE A 107 8.24 0.84 -14.77
CA PHE A 107 8.91 1.67 -15.76
C PHE A 107 9.01 3.08 -15.20
N LEU A 108 10.23 3.57 -15.03
CA LEU A 108 10.50 4.92 -14.57
C LEU A 108 10.87 5.76 -15.78
N GLN A 109 10.10 6.81 -16.05
CA GLN A 109 10.34 7.67 -17.20
C GLN A 109 10.55 9.10 -16.73
N ALA A 110 11.70 9.67 -17.07
CA ALA A 110 11.96 11.06 -16.73
C ALA A 110 10.98 11.98 -17.44
N THR A 111 10.48 12.97 -16.72
CA THR A 111 9.56 13.94 -17.29
C THR A 111 10.34 15.07 -17.96
N PRO A 112 9.83 15.60 -19.07
CA PRO A 112 10.59 16.59 -19.83
C PRO A 112 10.57 17.96 -19.19
N HIS A 113 11.59 18.27 -18.40
CA HIS A 113 11.66 19.56 -17.73
C HIS A 113 12.39 20.60 -18.58
N ARG A 114 11.81 21.80 -18.63
CA ARG A 114 12.41 22.87 -19.41
C ARG A 114 13.77 23.26 -18.85
N ASP A 115 13.93 23.17 -17.53
CA ASP A 115 15.20 23.50 -16.89
C ASP A 115 15.94 22.22 -16.54
N ILE A 116 17.27 22.31 -16.56
CA ILE A 116 18.13 21.24 -16.07
C ILE A 116 18.54 21.71 -14.69
N SER A 117 17.85 21.24 -13.67
CA SER A 117 18.08 21.63 -12.30
C SER A 117 18.00 20.38 -11.45
N ARG A 118 17.94 20.55 -10.14
CA ARG A 118 17.91 19.42 -9.23
C ARG A 118 16.48 18.98 -8.94
N ARG A 119 16.14 17.80 -9.41
CA ARG A 119 14.89 17.12 -9.10
C ARG A 119 15.24 15.69 -8.71
N VAL A 120 14.56 15.18 -7.69
CA VAL A 120 14.78 13.82 -7.23
C VAL A 120 13.43 13.11 -7.21
N ALA A 121 13.36 11.98 -7.90
CA ALA A 121 12.19 11.10 -7.88
C ALA A 121 12.56 9.92 -6.98
N ALA A 122 12.10 9.96 -5.75
CA ALA A 122 12.40 8.94 -4.76
C ALA A 122 11.09 8.35 -4.24
N PHE A 123 11.09 7.02 -4.09
CA PHE A 123 9.93 6.36 -3.53
C PHE A 123 10.36 5.06 -2.86
N ARG A 124 9.50 4.57 -1.99
CA ARG A 124 9.64 3.25 -1.39
C ARG A 124 8.60 2.32 -2.02
N PHE A 125 8.94 1.04 -2.09
CA PHE A 125 8.01 0.04 -2.60
C PHE A 125 7.86 -1.10 -1.60
N GLU A 126 6.70 -1.73 -1.63
CA GLU A 126 6.37 -2.87 -0.78
C GLU A 126 5.56 -3.87 -1.58
N LEU A 127 5.94 -5.13 -1.46
CA LEU A 127 5.29 -6.22 -2.18
C LEU A 127 4.48 -7.05 -1.19
N HIS A 128 3.24 -7.35 -1.53
CA HIS A 128 2.35 -8.09 -0.65
C HIS A 128 1.74 -9.27 -1.41
N GLU A 129 1.69 -10.43 -0.76
CA GLU A 129 1.10 -11.63 -1.35
C GLU A 129 -0.37 -11.70 -0.95
N ASP A 130 -1.20 -10.96 -1.68
CA ASP A 130 -2.63 -10.94 -1.36
C ASP A 130 -3.30 -12.26 -1.72
N GLY B 1 -16.71 7.35 18.81
CA GLY B 1 -15.46 8.15 18.97
C GLY B 1 -14.84 8.51 17.63
N TYR B 2 -15.66 8.97 16.70
CA TYR B 2 -15.15 9.40 15.40
C TYR B 2 -14.30 10.65 15.56
N SER B 3 -13.32 10.80 14.67
CA SER B 3 -12.46 11.96 14.71
C SER B 3 -13.20 13.17 14.17
N GLU B 4 -12.50 14.32 14.18
CA GLU B 4 -13.09 15.56 13.71
C GLU B 4 -13.51 15.47 12.25
N ASP B 5 -12.66 14.84 11.43
CA ASP B 5 -12.88 14.69 10.00
C ASP B 5 -13.62 13.40 9.64
N ARG B 6 -14.02 12.61 10.62
CA ARG B 6 -14.74 11.36 10.39
C ARG B 6 -13.92 10.35 9.60
N CYS B 7 -12.59 10.48 9.62
CA CYS B 7 -11.72 9.51 8.99
C CYS B 7 -11.17 8.49 9.98
N SER B 8 -11.32 8.71 11.27
CA SER B 8 -10.75 7.82 12.27
C SER B 8 -11.77 7.53 13.35
N TRP B 9 -11.48 6.51 14.15
CA TRP B 9 -12.39 6.13 15.22
C TRP B 9 -11.59 5.59 16.39
N ARG B 10 -12.06 5.92 17.60
CA ARG B 10 -11.48 5.45 18.85
C ARG B 10 -12.61 5.01 19.76
N GLY B 11 -12.51 3.80 20.30
CA GLY B 11 -13.53 3.34 21.21
C GLY B 11 -13.02 2.23 22.09
N SER B 12 -13.81 1.90 23.11
CA SER B 12 -13.44 0.90 24.10
C SER B 12 -14.52 -0.16 24.21
N GLY B 13 -14.10 -1.34 24.66
CA GLY B 13 -15.00 -2.44 24.91
C GLY B 13 -16.07 -2.74 23.87
N LEU B 14 -17.22 -3.21 24.37
CA LEU B 14 -18.31 -3.69 23.54
C LEU B 14 -19.11 -2.56 22.93
N THR B 15 -19.35 -2.65 21.62
CA THR B 15 -20.11 -1.62 20.93
C THR B 15 -21.57 -2.07 20.79
N VAL B 21 -23.24 -6.85 17.39
CA VAL B 21 -22.14 -6.44 16.53
C VAL B 21 -22.27 -4.98 16.12
N GLY B 22 -21.27 -4.19 16.51
CA GLY B 22 -21.25 -2.78 16.13
C GLY B 22 -21.02 -2.58 14.64
N GLN B 23 -21.48 -1.43 14.16
CA GLN B 23 -21.35 -1.00 12.76
C GLN B 23 -20.62 0.34 12.76
N LEU B 24 -19.49 0.39 12.06
CA LEU B 24 -18.73 1.62 11.89
C LEU B 24 -18.59 1.90 10.41
N THR B 25 -18.68 3.16 10.03
CA THR B 25 -18.50 3.58 8.65
C THR B 25 -17.55 4.77 8.60
N LEU B 26 -16.55 4.67 7.74
CA LEU B 26 -15.56 5.73 7.52
C LEU B 26 -15.53 5.99 6.03
N ASP B 27 -15.80 7.23 5.64
CA ASP B 27 -15.96 7.60 4.25
C ASP B 27 -14.71 8.21 3.64
N CYS B 28 -13.56 8.00 4.26
CA CYS B 28 -12.31 8.55 3.78
C CYS B 28 -11.47 7.48 3.07
N THR B 29 -10.45 7.95 2.36
CA THR B 29 -9.50 7.06 1.72
C THR B 29 -8.34 6.69 2.65
N GLU B 30 -8.19 7.38 3.78
CA GLU B 30 -7.12 7.12 4.72
C GLU B 30 -7.63 7.40 6.12
N GLY B 31 -7.29 6.53 7.06
CA GLY B 31 -7.75 6.74 8.42
C GLY B 31 -7.13 5.76 9.38
N ALA B 32 -7.62 5.81 10.61
CA ALA B 32 -7.08 4.98 11.68
C ALA B 32 -8.22 4.47 12.54
N ILE B 33 -8.03 3.28 13.13
CA ILE B 33 -9.02 2.69 14.07
C ILE B 33 -8.24 2.41 15.36
N GLU B 34 -8.79 2.73 16.53
CA GLU B 34 -8.15 2.45 17.83
C GLU B 34 -9.18 1.76 18.73
N TRP B 35 -9.17 0.43 18.78
CA TRP B 35 -10.15 -0.36 19.56
C TRP B 35 -9.54 -0.74 20.91
N LEU B 36 -9.69 0.09 21.92
CA LEU B 36 -9.14 -0.17 23.27
C LEU B 36 -9.95 -1.29 23.94
N TYR B 37 -9.30 -2.16 24.73
CA TYR B 37 -9.97 -3.26 25.47
C TYR B 37 -11.02 -3.93 24.57
N PRO B 38 -10.65 -4.46 23.39
CA PRO B 38 -11.64 -5.01 22.47
C PRO B 38 -12.55 -6.08 23.10
N ALA B 39 -13.86 -5.98 22.87
CA ALA B 39 -14.83 -6.97 23.32
C ALA B 39 -15.89 -7.10 22.24
N GLY B 40 -16.29 -8.34 21.97
CA GLY B 40 -17.32 -8.58 20.98
C GLY B 40 -16.77 -8.43 19.58
N ALA B 41 -17.54 -7.84 18.68
CA ALA B 41 -17.12 -7.75 17.28
C ALA B 41 -17.65 -6.48 16.66
N LEU B 42 -16.95 -6.01 15.64
CA LEU B 42 -17.28 -4.80 14.93
C LEU B 42 -17.25 -5.04 13.43
N ARG B 43 -18.10 -4.33 12.71
CA ARG B 43 -18.09 -4.34 11.26
C ARG B 43 -17.76 -2.92 10.81
N LEU B 44 -16.65 -2.78 10.09
CA LEU B 44 -16.13 -1.49 9.66
C LEU B 44 -16.26 -1.39 8.15
N THR B 45 -17.09 -0.48 7.67
CA THR B 45 -17.27 -0.22 6.25
C THR B 45 -16.39 0.96 5.85
N LEU B 46 -15.54 0.75 4.86
CA LEU B 46 -14.54 1.72 4.44
C LEU B 46 -14.95 2.44 3.17
N GLY B 47 -14.52 3.69 3.04
CA GLY B 47 -14.79 4.49 1.87
C GLY B 47 -16.26 4.70 1.63
N GLY B 52 -17.12 2.54 -6.17
CA GLY B 52 -17.66 1.19 -6.08
C GLY B 52 -17.83 0.53 -7.43
N THR B 53 -17.60 1.29 -8.51
CA THR B 53 -17.61 0.73 -9.85
C THR B 53 -16.24 0.26 -10.30
N ARG B 54 -15.17 0.68 -9.62
CA ARG B 54 -13.83 0.28 -9.94
C ARG B 54 -13.28 -0.65 -8.87
N PRO B 55 -12.33 -1.53 -9.20
CA PRO B 55 -11.71 -2.36 -8.16
C PRO B 55 -10.95 -1.48 -7.19
N SER B 56 -10.83 -1.95 -5.95
CA SER B 56 -10.20 -1.18 -4.89
C SER B 56 -9.18 -2.04 -4.16
N ILE B 57 -8.11 -1.39 -3.69
CA ILE B 57 -7.07 -2.05 -2.90
C ILE B 57 -7.02 -1.38 -1.54
N VAL B 58 -7.05 -2.18 -0.49
CA VAL B 58 -6.97 -1.71 0.88
C VAL B 58 -5.73 -2.30 1.52
N CYS B 59 -5.01 -1.48 2.27
CA CYS B 59 -3.83 -1.89 2.99
C CYS B 59 -3.95 -1.49 4.44
N LEU B 60 -3.57 -2.39 5.33
CA LEU B 60 -3.62 -2.19 6.77
C LEU B 60 -2.20 -2.19 7.34
N ARG B 61 -1.95 -1.26 8.26
CA ARG B 61 -0.66 -1.16 8.95
C ARG B 61 -0.96 -1.19 10.44
N PRO B 62 -0.66 -2.28 11.15
CA PRO B 62 -0.95 -2.31 12.58
C PRO B 62 -0.03 -1.40 13.36
N GLU B 63 -0.53 -0.88 14.47
CA GLU B 63 0.27 -0.10 15.40
C GLU B 63 0.72 -1.01 16.53
N ARG B 64 2.00 -1.26 16.59
CA ARG B 64 2.51 -2.16 17.61
C ARG B 64 2.62 -1.43 18.95
N PRO B 65 2.30 -2.11 20.06
CA PRO B 65 1.80 -3.49 20.07
C PRO B 65 0.34 -3.55 19.67
N PHE B 66 -0.01 -4.51 18.80
CA PHE B 66 -1.41 -4.74 18.35
C PHE B 66 -1.93 -6.00 19.03
N ALA B 67 -2.95 -5.90 19.87
CA ALA B 67 -3.47 -7.05 20.63
C ALA B 67 -4.94 -6.85 21.02
N GLY B 68 -5.65 -7.93 21.34
CA GLY B 68 -7.04 -7.85 21.81
C GLY B 68 -8.07 -8.18 20.75
N ALA B 69 -7.69 -8.20 19.47
CA ALA B 69 -8.67 -8.45 18.37
C ALA B 69 -7.98 -8.90 17.08
N GLN B 70 -8.75 -9.42 16.13
CA GLN B 70 -8.26 -9.85 14.80
C GLN B 70 -9.04 -9.06 13.75
N VAL B 71 -8.42 -8.70 12.63
CA VAL B 71 -9.09 -7.94 11.53
C VAL B 71 -9.29 -8.88 10.35
N PHE B 72 -10.53 -9.04 9.88
CA PHE B 72 -10.87 -9.91 8.74
C PHE B 72 -11.39 -9.06 7.58
N ALA B 73 -11.46 -9.61 6.37
CA ALA B 73 -11.99 -8.91 5.18
C ALA B 73 -13.16 -9.72 4.64
N GLU B 74 -14.30 -9.08 4.38
CA GLU B 74 -15.52 -9.76 3.88
C GLU B 74 -15.41 -9.93 2.37
N ARG B 75 -15.42 -11.17 1.87
CA ARG B 75 -15.38 -11.44 0.41
C ARG B 75 -16.81 -11.45 -0.13
N MET B 76 -16.98 -11.49 -1.45
CA MET B 76 -18.32 -11.49 -2.10
C MET B 76 -19.09 -12.74 -1.69
N THR B 77 -18.42 -13.91 -1.65
CA THR B 77 -19.07 -15.16 -1.32
C THR B 77 -19.61 -15.19 0.11
N GLY B 78 -19.15 -14.28 0.97
CA GLY B 78 -19.49 -14.27 2.36
C GLY B 78 -18.39 -14.80 3.26
N ASN B 79 -17.43 -15.54 2.71
CA ASN B 79 -16.30 -16.10 3.49
C ASN B 79 -15.45 -14.94 4.03
N LEU B 80 -14.59 -15.18 5.03
CA LEU B 80 -13.73 -14.13 5.64
C LEU B 80 -12.25 -14.48 5.44
N GLU B 81 -11.38 -13.47 5.37
CA GLU B 81 -9.92 -13.67 5.21
C GLU B 81 -9.17 -12.85 6.27
N LEU B 82 -8.39 -13.52 7.12
CA LEU B 82 -7.66 -12.81 8.20
C LEU B 82 -6.58 -11.92 7.58
N LEU B 83 -6.64 -10.61 7.84
CA LEU B 83 -5.60 -9.66 7.34
C LEU B 83 -4.62 -9.36 8.47
N LEU B 84 -5.11 -8.90 9.62
CA LEU B 84 -4.25 -8.60 10.79
C LEU B 84 -4.53 -9.64 11.87
N ALA B 85 -3.51 -10.04 12.63
CA ALA B 85 -3.66 -11.02 13.72
C ALA B 85 -2.77 -10.61 14.89
N GLU B 86 -3.08 -11.07 16.10
CA GLU B 86 -2.30 -10.75 17.31
C GLU B 86 -1.03 -11.61 17.32
N LEU B 90 1.09 -13.34 11.62
CA LEU B 90 0.54 -12.38 10.68
C LEU B 90 0.57 -10.98 11.27
N ALA B 91 1.77 -10.54 11.66
CA ALA B 91 1.99 -9.23 12.26
C ALA B 91 2.79 -8.38 11.28
N GLY B 92 2.08 -7.69 10.38
CA GLY B 92 2.74 -6.78 9.46
C GLY B 92 1.73 -6.16 8.52
N GLY B 93 2.18 -5.14 7.80
CA GLY B 93 1.34 -4.52 6.79
C GLY B 93 0.78 -5.58 5.87
N ARG B 94 -0.54 -5.61 5.70
CA ARG B 94 -1.21 -6.58 4.84
C ARG B 94 -2.18 -5.86 3.93
N CYS B 95 -2.16 -6.23 2.66
CA CYS B 95 -3.02 -5.63 1.66
C CYS B 95 -3.94 -6.68 1.05
N MET B 96 -5.04 -6.22 0.48
CA MET B 96 -5.97 -7.10 -0.21
C MET B 96 -6.78 -6.24 -1.17
N ARG B 97 -7.39 -6.90 -2.15
CA ARG B 97 -8.11 -6.24 -3.21
C ARG B 97 -9.56 -6.70 -3.23
N TRP B 98 -10.48 -5.74 -3.32
CA TRP B 98 -11.89 -6.01 -3.50
C TRP B 98 -12.26 -5.78 -4.96
N GLY B 99 -13.13 -6.62 -5.49
CA GLY B 99 -13.63 -6.45 -6.83
C GLY B 99 -14.62 -5.31 -6.90
N PRO B 100 -15.02 -4.95 -8.12
CA PRO B 100 -16.04 -3.91 -8.26
C PRO B 100 -17.33 -4.37 -7.60
N ARG B 101 -18.13 -3.40 -7.17
CA ARG B 101 -19.42 -3.63 -6.52
C ARG B 101 -19.33 -4.51 -5.29
N GLU B 102 -18.12 -4.78 -4.81
CA GLU B 102 -17.94 -5.59 -3.60
C GLU B 102 -17.97 -4.66 -2.39
N ARG B 103 -18.63 -5.11 -1.32
CA ARG B 103 -18.67 -4.33 -0.10
C ARG B 103 -17.28 -4.28 0.53
N ARG B 104 -16.79 -3.06 0.77
CA ARG B 104 -15.49 -2.86 1.39
C ARG B 104 -15.72 -2.85 2.90
N ALA B 105 -15.75 -4.04 3.49
CA ALA B 105 -16.09 -4.19 4.88
C ALA B 105 -15.04 -5.03 5.60
N LEU B 106 -14.64 -4.55 6.78
CA LEU B 106 -13.77 -5.26 7.69
C LEU B 106 -14.56 -5.79 8.88
N PHE B 107 -14.11 -6.92 9.41
CA PHE B 107 -14.68 -7.53 10.60
C PHE B 107 -13.62 -7.54 11.69
N LEU B 108 -13.88 -6.84 12.78
CA LEU B 108 -13.00 -6.83 13.95
C LEU B 108 -13.63 -7.67 15.03
N GLN B 109 -12.94 -8.72 15.46
CA GLN B 109 -13.43 -9.61 16.49
C GLN B 109 -12.41 -9.70 17.63
N ALA B 110 -12.86 -9.46 18.85
CA ALA B 110 -11.98 -9.55 20.00
C ALA B 110 -11.48 -10.98 20.19
N THR B 111 -10.21 -11.10 20.56
CA THR B 111 -9.72 -12.45 20.83
C THR B 111 -10.01 -12.82 22.28
N PRO B 112 -10.41 -14.06 22.54
CA PRO B 112 -10.82 -14.41 23.91
C PRO B 112 -9.66 -14.72 24.83
N HIS B 113 -9.08 -13.69 25.45
CA HIS B 113 -7.98 -13.87 26.44
C HIS B 113 -8.59 -14.25 27.78
N ARG B 114 -8.00 -15.20 28.50
CA ARG B 114 -8.51 -15.65 29.82
C ARG B 114 -8.15 -14.59 30.86
N ASP B 115 -7.11 -13.79 30.60
CA ASP B 115 -6.65 -12.76 31.55
C ASP B 115 -7.09 -11.38 31.09
N ILE B 116 -7.38 -10.47 32.01
CA ILE B 116 -7.76 -9.07 31.68
C ILE B 116 -6.48 -8.25 31.66
N SER B 117 -6.25 -7.48 30.60
CA SER B 117 -5.05 -6.62 30.47
C SER B 117 -5.40 -5.47 29.51
N ARG B 118 -4.56 -4.45 29.44
CA ARG B 118 -4.79 -3.32 28.51
C ARG B 118 -4.29 -3.75 27.13
N ARG B 119 -5.20 -4.17 26.24
CA ARG B 119 -4.85 -4.55 24.85
C ARG B 119 -5.49 -3.53 23.93
N VAL B 120 -4.75 -2.98 22.98
CA VAL B 120 -5.27 -1.96 22.02
C VAL B 120 -5.10 -2.51 20.61
N ALA B 121 -6.20 -2.77 19.92
CA ALA B 121 -6.17 -3.23 18.51
C ALA B 121 -6.31 -2.00 17.63
N ALA B 122 -5.21 -1.28 17.42
CA ALA B 122 -5.21 -0.05 16.60
C ALA B 122 -4.42 -0.29 15.33
N PHE B 123 -4.92 0.17 14.18
CA PHE B 123 -4.24 -0.01 12.88
C PHE B 123 -4.63 1.14 11.96
N ARG B 124 -3.79 1.50 10.99
CA ARG B 124 -4.12 2.54 9.99
C ARG B 124 -4.57 1.83 8.72
N PHE B 125 -5.42 2.44 7.91
CA PHE B 125 -5.85 1.86 6.65
C PHE B 125 -5.69 2.88 5.53
N GLU B 126 -5.55 2.39 4.32
CA GLU B 126 -5.40 3.23 3.14
C GLU B 126 -6.18 2.58 2.02
N LEU B 127 -6.98 3.36 1.31
CA LEU B 127 -7.82 2.87 0.23
C LEU B 127 -7.30 3.37 -1.10
N HIS B 128 -7.14 2.46 -2.06
CA HIS B 128 -6.56 2.76 -3.36
C HIS B 128 -7.40 2.16 -4.47
N GLU B 129 -7.50 2.88 -5.58
CA GLU B 129 -8.19 2.36 -6.75
C GLU B 129 -7.23 1.50 -7.58
N ASP B 130 -7.80 0.57 -8.33
CA ASP B 130 -7.00 -0.33 -9.17
C ASP B 130 -7.55 -0.34 -10.59
#